data_4WEB
#
_entry.id   4WEB
#
_cell.length_a   85.960
_cell.length_b   194.570
_cell.length_c   37.920
_cell.angle_alpha   90.00
_cell.angle_beta   90.00
_cell.angle_gamma   90.00
#
_symmetry.space_group_name_H-M   'P 21 21 2'
#
loop_
_entity.id
_entity.type
_entity.pdbx_description
1 polymer 'hepatitis C virus envelope glycoprotein 2'
2 polymer 'Mouse Fab Heavy Chain'
3 polymer 'Mouse Fab Light Chain'
4 non-polymer 2-acetamido-2-deoxy-beta-D-glucopyranose
5 non-polymer FORMAMIDE
6 water water
#
loop_
_entity_poly.entity_id
_entity_poly.type
_entity_poly.pdbx_seq_one_letter_code
_entity_poly.pdbx_strand_id
1 'polypeptide(L)'
;TPVGLAMSACRSIEAFRVGWGALQYEDNVTNPEDMRPYCWHYPPRQCGVVSAKTVCGPVYCFTPSPVVVGTTDRLGAPTY
TWGENETDVFLLNSTRPPLGSWFGCTWMNSSGYTKTCGAPPCRTRADFNASTDLLCPTDCFRKHPDTTYLKCGSGPWLTP
RCLIDYPYRLWHYPCTVNYTIFKIRMYVGGVEHRLTAACNFTRGDRGSASGLEVLFQ
;
E
2 'polypeptide(L)'
;MKCSWVIFFLMAVVTGVISEVQLQQSGAELVKPGASVKLSCTASGFNIKDTYIHWVNQRPEQGLEWIGRIDPANGHTQYD
PKFQGKATITADTSSNTAYLQLSSLTSEDTAVYYCATSDYSYALDSWGQGTSVTVSSAKTTAPSVYPLAPVCGDTTGSSV
TLGCLVKGYFPEPVTLTWNSGSLSSGVHTFPAVLQSDLYTLSSSVTVTSSTWPSQSITCNVAHPASSTKVDKKIEPRGPT
IKPCPPCKCPAPNLLGGPSVFIFPPKIKDVLMISLSPIVTCVVVDVSEDDPDVQISWFVNNVEVHTAQTQTHREDYNSTL
RVVSALPIQHQDWMSGKEFKCKVNNKDLPAPIERTISKPKGSVRAPQVYVLPPPEEEMTKKQVTLTCMVTDFMPEDIYVE
WTNNGKTELNYKNTEPVLDSDGSYFMYSKLRVEKKNWVERNSYSCSVVHEGLHNHHTTKSFSRTPGK
;
H
3 'polypeptide(L)'
;MESQTQVLMFLLLWVSGACADIVMTQSPSSLAMSVGQKVTMSCKSSQSLLNSNNQKNYLAWYQQKPGQSPKLLVYFASTR
ESGVPDRFIGSGSGTDFTLTISSVQAEDLADYFCQQHYSTPYTFGGGTKLEIRRADAAPTVSIFPPSSEQLTSGGASVVC
FLNNFYPKDINVKWKIDGSERQNGVLNSWTDQDSKDSTYSMSSTLTLTKDEYERHNSYTCEATHKTSTSPIVKSFNRNEC
;
L
#
# COMPACT_ATOMS: atom_id res chain seq x y z
N CYS A 39 -40.66 -18.59 12.36
CA CYS A 39 -39.90 -17.54 11.66
C CYS A 39 -40.67 -16.72 10.58
N TRP A 40 -41.57 -17.33 9.78
CA TRP A 40 -41.92 -18.77 9.74
C TRP A 40 -41.07 -19.57 8.74
N HIS A 41 -39.94 -18.97 8.34
CA HIS A 41 -39.05 -19.38 7.22
C HIS A 41 -39.69 -19.05 5.86
N TYR A 42 -40.44 -20.01 5.31
CA TYR A 42 -41.24 -19.85 4.08
C TYR A 42 -40.43 -19.41 2.85
N PRO A 43 -40.23 -20.31 1.86
CA PRO A 43 -39.52 -19.82 0.67
C PRO A 43 -40.53 -19.20 -0.27
N PRO A 44 -40.15 -18.15 -0.98
CA PRO A 44 -41.17 -17.30 -1.60
C PRO A 44 -41.05 -17.22 -3.10
N ARG A 45 -42.00 -16.57 -3.74
CA ARG A 45 -42.10 -16.58 -5.19
C ARG A 45 -41.43 -15.37 -5.81
N GLN A 46 -41.39 -15.33 -7.15
CA GLN A 46 -40.84 -14.19 -7.88
C GLN A 46 -41.41 -12.89 -7.32
N CYS A 47 -40.62 -11.84 -7.39
CA CYS A 47 -40.92 -10.64 -6.60
C CYS A 47 -42.19 -9.91 -7.02
N GLY A 48 -42.32 -9.55 -8.29
CA GLY A 48 -43.50 -8.86 -8.77
C GLY A 48 -43.72 -7.49 -8.14
N VAL A 49 -44.85 -6.87 -8.47
CA VAL A 49 -45.15 -5.51 -7.99
C VAL A 49 -46.08 -5.49 -6.76
N VAL A 50 -45.66 -4.81 -5.69
CA VAL A 50 -46.43 -4.76 -4.45
C VAL A 50 -47.06 -3.38 -4.32
N SER A 51 -48.34 -3.31 -3.92
CA SER A 51 -49.12 -2.05 -4.02
C SER A 51 -48.57 -0.87 -3.20
N ALA A 52 -48.61 0.31 -3.82
CA ALA A 52 -48.17 1.54 -3.16
C ALA A 52 -49.16 1.98 -2.11
N LYS A 53 -49.47 1.06 -1.18
CA LYS A 53 -50.44 1.25 -0.10
C LYS A 53 -50.77 -0.09 0.54
N THR A 54 -49.74 -0.85 0.94
CA THR A 54 -49.94 -2.10 1.67
C THR A 54 -48.82 -2.37 2.65
N VAL A 55 -47.70 -1.68 2.45
CA VAL A 55 -46.51 -1.91 3.24
C VAL A 55 -46.50 -0.96 4.42
N CYS A 56 -46.11 -1.45 5.59
CA CYS A 56 -45.83 -0.57 6.70
C CYS A 56 -44.33 -0.63 6.96
N GLY A 57 -43.67 0.51 6.76
CA GLY A 57 -42.22 0.60 6.91
C GLY A 57 -41.50 0.57 5.57
N PRO A 58 -40.19 0.30 5.61
CA PRO A 58 -39.38 0.25 4.38
C PRO A 58 -39.32 -1.14 3.77
N VAL A 59 -39.07 -1.20 2.47
CA VAL A 59 -38.81 -2.47 1.83
C VAL A 59 -37.32 -2.64 1.58
N TYR A 60 -36.74 -3.64 2.22
CA TYR A 60 -35.33 -3.94 2.04
C TYR A 60 -35.14 -5.00 0.97
N CYS A 61 -34.11 -4.80 0.15
CA CYS A 61 -33.69 -5.77 -0.85
C CYS A 61 -32.21 -6.09 -0.62
N PHE A 62 -31.78 -7.28 -1.03
CA PHE A 62 -30.47 -7.76 -0.66
C PHE A 62 -29.62 -8.05 -1.88
N THR A 63 -28.58 -7.25 -2.08
CA THR A 63 -27.83 -7.29 -3.32
C THR A 63 -26.52 -8.09 -3.39
N PRO A 64 -26.09 -8.78 -2.31
CA PRO A 64 -26.61 -9.15 -0.99
C PRO A 64 -26.63 -7.99 -0.03
N SER A 65 -26.00 -6.90 -0.42
CA SER A 65 -25.96 -5.72 0.45
C SER A 65 -27.37 -5.18 0.62
N PRO A 66 -27.73 -4.86 1.87
CA PRO A 66 -29.03 -4.30 2.29
C PRO A 66 -29.28 -2.88 1.75
N VAL A 67 -30.25 -2.72 0.87
CA VAL A 67 -30.61 -1.40 0.37
C VAL A 67 -32.09 -1.17 0.64
N VAL A 68 -32.58 0.04 0.38
CA VAL A 68 -33.99 0.36 0.60
C VAL A 68 -34.64 0.92 -0.66
N VAL A 69 -35.62 0.19 -1.18
CA VAL A 69 -36.23 0.51 -2.47
C VAL A 69 -37.46 1.39 -2.26
N GLY A 70 -37.86 2.13 -3.29
CA GLY A 70 -38.98 3.06 -3.17
C GLY A 70 -40.06 2.97 -4.24
N THR A 71 -40.84 4.05 -4.35
CA THR A 71 -42.03 4.12 -5.20
C THR A 71 -41.76 4.65 -6.60
N THR A 72 -42.31 3.96 -7.60
CA THR A 72 -42.25 4.36 -9.02
C THR A 72 -40.83 4.55 -9.54
N ASP A 73 -40.40 5.82 -9.67
CA ASP A 73 -39.10 6.12 -10.26
C ASP A 73 -38.27 7.05 -9.37
N VAL A 89 -43.87 1.91 -2.41
CA VAL A 89 -42.68 1.15 -2.80
C VAL A 89 -43.03 -0.16 -3.50
N PHE A 90 -42.67 -0.29 -4.77
CA PHE A 90 -42.98 -1.50 -5.50
C PHE A 90 -41.94 -1.99 -6.49
N LEU A 91 -42.44 -2.56 -7.58
CA LEU A 91 -41.73 -3.44 -8.51
C LEU A 91 -40.34 -3.88 -8.10
N LEU A 92 -40.28 -5.06 -7.51
CA LEU A 92 -39.03 -5.61 -7.04
C LEU A 92 -38.51 -6.64 -8.04
N ASN A 93 -39.06 -6.63 -9.25
CA ASN A 93 -38.57 -7.52 -10.30
C ASN A 93 -37.06 -7.45 -10.47
N SER A 94 -36.42 -8.60 -10.46
CA SER A 94 -34.98 -8.69 -10.66
C SER A 94 -34.49 -10.13 -10.72
N THR A 95 -33.49 -10.38 -11.56
CA THR A 95 -32.81 -11.66 -11.54
C THR A 95 -31.64 -11.52 -10.59
N ARG A 96 -30.93 -12.63 -10.37
CA ARG A 96 -29.80 -12.67 -9.47
C ARG A 96 -28.80 -11.56 -9.82
N PRO A 97 -28.37 -10.78 -8.81
CA PRO A 97 -27.54 -9.57 -8.84
C PRO A 97 -26.17 -9.55 -9.51
N PRO A 98 -25.64 -10.67 -10.03
CA PRO A 98 -24.56 -10.32 -10.98
C PRO A 98 -25.15 -9.55 -12.15
N LEU A 99 -26.41 -9.87 -12.43
CA LEU A 99 -27.16 -9.42 -13.59
C LEU A 99 -28.59 -9.16 -13.15
N GLY A 100 -28.88 -7.95 -12.69
CA GLY A 100 -30.14 -7.72 -12.00
C GLY A 100 -29.81 -7.17 -10.64
N SER A 101 -30.83 -6.69 -9.92
CA SER A 101 -30.61 -5.78 -8.81
C SER A 101 -30.46 -6.42 -7.43
N TRP A 102 -31.37 -7.31 -7.07
CA TRP A 102 -31.37 -7.92 -5.74
C TRP A 102 -31.79 -9.39 -5.82
N PHE A 103 -31.32 -10.20 -4.88
CA PHE A 103 -31.67 -11.62 -4.81
C PHE A 103 -33.10 -11.82 -4.35
N GLY A 104 -33.54 -10.93 -3.47
CA GLY A 104 -34.89 -11.00 -2.95
C GLY A 104 -35.16 -9.79 -2.09
N CYS A 105 -36.35 -9.73 -1.51
CA CYS A 105 -36.69 -8.62 -0.63
C CYS A 105 -37.48 -9.09 0.59
N THR A 106 -37.77 -8.14 1.47
CA THR A 106 -38.54 -8.39 2.67
C THR A 106 -39.24 -7.09 3.09
N TRP A 107 -40.50 -7.16 3.46
CA TRP A 107 -41.16 -5.97 3.98
C TRP A 107 -42.19 -6.31 5.03
N MET A 108 -43.20 -5.47 5.19
CA MET A 108 -44.23 -5.73 6.18
C MET A 108 -45.57 -5.16 5.78
N ASN A 109 -46.55 -6.04 5.57
CA ASN A 109 -47.88 -5.57 5.19
C ASN A 109 -48.60 -4.90 6.36
N SER A 110 -49.85 -4.51 6.12
CA SER A 110 -50.65 -3.84 7.14
C SER A 110 -50.86 -4.75 8.34
N SER A 111 -51.24 -6.00 8.05
CA SER A 111 -51.58 -6.99 9.08
C SER A 111 -50.42 -7.34 10.02
N GLY A 112 -49.26 -6.78 9.77
CA GLY A 112 -48.10 -7.00 10.62
C GLY A 112 -47.43 -8.32 10.29
N TYR A 113 -47.59 -8.76 9.06
CA TYR A 113 -46.94 -9.99 8.59
C TYR A 113 -45.72 -9.70 7.71
N THR A 114 -44.60 -10.35 8.03
CA THR A 114 -43.35 -10.18 7.30
C THR A 114 -43.41 -10.82 5.91
N LYS A 115 -43.59 -9.98 4.89
CA LYS A 115 -43.69 -10.47 3.51
C LYS A 115 -42.32 -10.55 2.82
N THR A 116 -42.04 -11.68 2.18
CA THR A 116 -40.80 -11.84 1.41
C THR A 116 -41.06 -12.13 -0.06
N CYS A 117 -40.04 -11.93 -0.88
CA CYS A 117 -40.11 -12.28 -2.28
C CYS A 117 -38.69 -12.54 -2.77
N GLY A 118 -38.54 -13.55 -3.60
CA GLY A 118 -37.23 -13.87 -4.14
C GLY A 118 -37.30 -13.94 -5.65
N ALA A 119 -36.31 -14.59 -6.24
CA ALA A 119 -36.35 -14.93 -7.65
C ALA A 119 -36.55 -16.45 -7.73
N PRO A 120 -36.98 -16.97 -8.89
CA PRO A 120 -37.22 -18.41 -9.06
C PRO A 120 -36.08 -19.30 -8.55
N PRO A 121 -36.34 -20.09 -7.50
CA PRO A 121 -35.35 -20.96 -6.84
C PRO A 121 -34.95 -22.18 -7.68
N CYS A 122 -33.67 -22.51 -7.71
CA CYS A 122 -33.19 -23.62 -8.54
C CYS A 122 -33.36 -24.97 -7.84
N THR A 147 -19.95 -20.22 -3.58
CA THR A 147 -21.14 -20.01 -2.79
C THR A 147 -22.38 -20.45 -3.55
N THR A 148 -23.29 -21.13 -2.85
CA THR A 148 -24.54 -21.57 -3.47
C THR A 148 -25.57 -20.46 -3.44
N TYR A 149 -25.37 -19.48 -2.57
CA TYR A 149 -26.26 -18.31 -2.49
C TYR A 149 -26.19 -17.50 -3.76
N LEU A 150 -25.00 -17.43 -4.35
CA LEU A 150 -24.79 -16.69 -5.57
C LEU A 150 -25.64 -17.27 -6.71
N LYS A 151 -25.62 -18.58 -6.82
CA LYS A 151 -26.42 -19.28 -7.84
C LYS A 151 -27.90 -18.98 -7.63
N CYS A 152 -28.42 -19.38 -6.47
CA CYS A 152 -29.84 -19.20 -6.17
C CYS A 152 -30.06 -18.85 -4.71
N GLY A 153 -30.21 -17.55 -4.43
CA GLY A 153 -30.61 -17.07 -3.12
C GLY A 153 -31.86 -16.23 -3.31
N SER A 154 -32.76 -16.23 -2.33
CA SER A 154 -34.05 -15.54 -2.51
C SER A 154 -34.26 -14.39 -1.53
N GLY A 155 -33.18 -13.73 -1.16
CA GLY A 155 -33.28 -12.61 -0.24
C GLY A 155 -32.29 -12.74 0.90
N PRO A 156 -32.73 -12.37 2.12
CA PRO A 156 -31.90 -12.21 3.31
C PRO A 156 -31.18 -13.47 3.79
N TRP A 157 -31.75 -14.65 3.55
CA TRP A 157 -31.16 -15.89 4.08
C TRP A 157 -30.00 -16.40 3.25
N LEU A 158 -28.81 -16.46 3.87
CA LEU A 158 -27.61 -16.95 3.20
C LEU A 158 -27.55 -18.46 3.27
N THR A 159 -27.82 -18.99 4.47
CA THR A 159 -27.92 -20.42 4.71
C THR A 159 -29.24 -20.64 5.45
N PRO A 160 -29.59 -21.91 5.72
CA PRO A 160 -30.77 -22.08 6.57
C PRO A 160 -30.55 -21.51 7.97
N ARG A 161 -29.29 -21.45 8.41
CA ARG A 161 -28.97 -20.98 9.75
C ARG A 161 -28.59 -19.50 9.84
N CYS A 162 -28.39 -18.82 8.71
CA CYS A 162 -27.90 -17.44 8.72
C CYS A 162 -28.60 -16.50 7.74
N LEU A 163 -28.88 -15.29 8.22
CA LEU A 163 -29.46 -14.28 7.34
C LEU A 163 -28.66 -12.98 7.44
N ILE A 164 -28.76 -12.16 6.40
CA ILE A 164 -28.05 -10.90 6.33
C ILE A 164 -28.61 -9.91 7.34
N ASP A 165 -27.76 -9.36 8.19
CA ASP A 165 -28.24 -8.42 9.19
C ASP A 165 -28.59 -7.05 8.56
N TYR A 166 -29.56 -6.35 9.14
CA TYR A 166 -29.93 -5.03 8.66
C TYR A 166 -30.82 -4.35 9.71
N PRO A 167 -31.12 -3.04 9.54
CA PRO A 167 -31.88 -2.36 10.58
C PRO A 167 -33.16 -3.09 11.01
N TYR A 168 -34.03 -3.35 10.06
CA TYR A 168 -35.33 -3.94 10.35
C TYR A 168 -35.28 -5.47 10.39
N ARG A 169 -34.12 -6.04 10.69
CA ARG A 169 -34.00 -7.50 10.77
C ARG A 169 -34.81 -8.06 11.92
N LEU A 170 -34.69 -7.42 13.08
CA LEU A 170 -35.34 -7.89 14.29
C LEU A 170 -36.86 -7.65 14.27
N TRP A 171 -37.31 -6.62 13.55
CA TRP A 171 -38.73 -6.53 13.26
C TRP A 171 -39.09 -7.69 12.33
N HIS A 172 -38.56 -7.67 11.11
CA HIS A 172 -38.90 -8.65 10.09
C HIS A 172 -38.61 -10.11 10.48
N TYR A 173 -37.64 -10.31 11.36
CA TYR A 173 -37.25 -11.67 11.76
C TYR A 173 -36.95 -11.73 13.25
N PRO A 174 -37.99 -11.78 14.09
CA PRO A 174 -37.83 -11.69 15.53
C PRO A 174 -37.28 -12.98 16.14
N CYS A 175 -37.61 -14.12 15.54
CA CYS A 175 -37.14 -15.41 16.03
C CYS A 175 -35.61 -15.50 16.10
N THR A 176 -34.93 -14.53 15.49
CA THR A 176 -33.48 -14.59 15.30
C THR A 176 -32.69 -13.73 16.25
N VAL A 177 -33.35 -13.18 17.26
CA VAL A 177 -32.69 -12.30 18.22
C VAL A 177 -31.62 -13.02 19.04
N ASN A 178 -31.64 -14.35 19.01
CA ASN A 178 -30.64 -15.13 19.73
C ASN A 178 -29.39 -15.37 18.87
N TYR A 179 -29.47 -14.93 17.62
CA TYR A 179 -28.42 -15.21 16.64
C TYR A 179 -27.15 -14.41 16.89
N THR A 180 -26.01 -15.07 16.83
CA THR A 180 -24.75 -14.35 16.92
C THR A 180 -24.43 -13.62 15.62
N ILE A 181 -24.03 -12.36 15.73
CA ILE A 181 -23.67 -11.59 14.54
C ILE A 181 -22.18 -11.68 14.21
N PHE A 182 -21.91 -11.86 12.91
CA PHE A 182 -20.56 -11.94 12.34
C PHE A 182 -20.40 -10.98 11.16
N LYS A 183 -19.22 -10.37 11.03
CA LYS A 183 -18.89 -9.61 9.83
C LYS A 183 -18.32 -10.53 8.75
N ILE A 184 -18.84 -10.44 7.53
CA ILE A 184 -18.38 -11.31 6.48
C ILE A 184 -18.10 -10.57 5.18
N ARG A 185 -17.48 -11.27 4.22
CA ARG A 185 -17.20 -10.73 2.89
C ARG A 185 -17.84 -11.61 1.85
N MET A 186 -18.27 -11.02 0.75
CA MET A 186 -18.89 -11.78 -0.31
C MET A 186 -18.67 -11.19 -1.71
N TYR A 187 -18.32 -12.04 -2.67
CA TYR A 187 -18.16 -11.60 -4.05
C TYR A 187 -19.33 -11.91 -4.94
N VAL A 188 -19.84 -10.88 -5.61
CA VAL A 188 -20.92 -11.07 -6.58
C VAL A 188 -20.51 -10.48 -7.91
N GLY A 189 -20.38 -11.32 -8.93
CA GLY A 189 -19.90 -10.86 -10.21
C GLY A 189 -18.59 -10.13 -10.11
N GLY A 190 -17.74 -10.59 -9.20
CA GLY A 190 -16.42 -10.01 -9.01
C GLY A 190 -16.36 -8.71 -8.23
N VAL A 191 -17.49 -8.26 -7.69
CA VAL A 191 -17.40 -7.09 -6.83
C VAL A 191 -17.63 -7.52 -5.39
N GLU A 192 -16.80 -7.00 -4.49
CA GLU A 192 -16.84 -7.34 -3.08
C GLU A 192 -17.92 -6.61 -2.27
N HIS A 193 -18.71 -7.38 -1.54
CA HIS A 193 -19.69 -6.84 -0.60
C HIS A 193 -19.26 -7.17 0.81
N ARG A 194 -19.47 -6.21 1.69
CA ARG A 194 -19.19 -6.36 3.12
C ARG A 194 -20.52 -6.38 3.83
N LEU A 195 -20.79 -7.46 4.55
CA LEU A 195 -22.07 -7.63 5.21
C LEU A 195 -21.89 -8.09 6.64
N THR A 196 -22.92 -7.86 7.45
CA THR A 196 -22.96 -8.47 8.74
C THR A 196 -24.01 -9.58 8.68
N ALA A 197 -23.68 -10.74 9.23
CA ALA A 197 -24.60 -11.88 9.26
C ALA A 197 -24.89 -12.35 10.66
N ALA A 198 -26.16 -12.65 10.92
CA ALA A 198 -26.56 -13.27 12.18
C ALA A 198 -26.83 -14.76 11.95
N CYS A 199 -26.12 -15.60 12.70
CA CYS A 199 -26.17 -17.04 12.47
C CYS A 199 -26.73 -17.87 13.63
N ASN A 200 -25.95 -18.82 14.14
CA ASN A 200 -26.48 -19.73 15.15
C ASN A 200 -25.39 -20.56 15.81
N GLU B 20 -16.03 -1.66 -5.07
CA GLU B 20 -14.65 -1.93 -4.68
C GLU B 20 -14.31 -1.36 -3.31
N VAL B 21 -13.66 -2.19 -2.49
CA VAL B 21 -13.26 -1.80 -1.14
C VAL B 21 -11.98 -0.98 -1.19
N GLN B 22 -12.07 0.25 -0.72
CA GLN B 22 -10.99 1.21 -0.84
C GLN B 22 -10.79 1.99 0.45
N LEU B 23 -9.54 2.24 0.80
CA LEU B 23 -9.22 2.99 2.01
C LEU B 23 -8.33 4.15 1.66
N GLN B 24 -8.84 5.35 1.87
CA GLN B 24 -8.10 6.57 1.59
C GLN B 24 -7.61 7.21 2.90
N GLN B 25 -6.30 7.30 3.04
CA GLN B 25 -5.74 7.85 4.27
C GLN B 25 -5.36 9.31 4.10
N SER B 26 -5.31 10.03 5.22
CA SER B 26 -4.96 11.43 5.25
C SER B 26 -3.48 11.62 4.95
N GLY B 27 -3.06 12.88 4.83
CA GLY B 27 -1.74 13.19 4.35
C GLY B 27 -0.68 13.16 5.42
N ALA B 28 0.56 13.19 4.94
CA ALA B 28 1.77 13.16 5.77
C ALA B 28 1.75 14.15 6.92
N GLU B 29 2.42 13.77 8.01
CA GLU B 29 2.41 14.60 9.22
C GLU B 29 3.81 14.80 9.77
N LEU B 30 4.12 16.05 10.08
CA LEU B 30 5.23 16.41 10.97
C LEU B 30 4.61 16.74 12.33
N VAL B 31 5.25 16.30 13.40
CA VAL B 31 4.71 16.49 14.73
C VAL B 31 5.85 16.54 15.72
N LYS B 32 5.82 17.51 16.63
CA LYS B 32 6.88 17.70 17.61
C LYS B 32 6.80 16.66 18.71
N PRO B 33 7.93 16.32 19.31
CA PRO B 33 7.90 15.33 20.39
C PRO B 33 7.01 15.80 21.51
N GLY B 34 6.27 14.88 22.10
CA GLY B 34 5.35 15.23 23.16
C GLY B 34 4.01 15.56 22.59
N ALA B 35 3.99 15.97 21.33
CA ALA B 35 2.73 16.37 20.76
C ALA B 35 1.89 15.16 20.35
N SER B 36 0.71 15.46 19.85
CA SER B 36 -0.25 14.45 19.49
C SER B 36 -0.76 14.72 18.07
N VAL B 37 -1.19 13.67 17.38
CA VAL B 37 -1.61 13.83 15.99
C VAL B 37 -2.80 12.92 15.73
N LYS B 38 -3.67 13.32 14.81
CA LYS B 38 -4.83 12.50 14.50
C LYS B 38 -4.91 12.14 13.03
N LEU B 39 -4.85 10.86 12.75
CA LEU B 39 -4.90 10.41 11.37
C LEU B 39 -6.29 9.89 11.02
N SER B 40 -6.66 9.99 9.75
CA SER B 40 -7.97 9.57 9.31
C SER B 40 -7.86 8.53 8.21
N CYS B 41 -8.85 7.65 8.16
CA CYS B 41 -8.91 6.59 7.17
C CYS B 41 -10.33 6.53 6.62
N THR B 42 -10.49 6.92 5.37
CA THR B 42 -11.84 7.02 4.83
C THR B 42 -12.11 5.92 3.83
N ALA B 43 -13.16 5.17 4.12
CA ALA B 43 -13.52 4.01 3.32
C ALA B 43 -14.55 4.37 2.25
N SER B 44 -14.52 3.67 1.12
CA SER B 44 -15.57 3.84 0.12
C SER B 44 -15.93 2.53 -0.58
N GLY B 45 -17.16 2.43 -1.06
CA GLY B 45 -17.61 1.26 -1.78
C GLY B 45 -18.07 0.19 -0.81
N PHE B 46 -18.23 0.56 0.44
CA PHE B 46 -18.78 -0.33 1.47
C PHE B 46 -18.98 0.51 2.72
N ASN B 47 -19.70 -0.04 3.70
CA ASN B 47 -19.94 0.64 4.97
C ASN B 47 -19.08 0.08 6.11
N ILE B 48 -18.37 0.95 6.84
CA ILE B 48 -17.35 0.46 7.76
C ILE B 48 -17.93 -0.27 8.95
N LYS B 49 -19.23 -0.20 9.07
CA LYS B 49 -19.92 -0.89 10.15
C LYS B 49 -19.73 -2.38 9.98
N ASP B 50 -19.75 -2.81 8.71
CA ASP B 50 -19.60 -4.21 8.35
C ASP B 50 -18.16 -4.73 8.35
N THR B 51 -17.22 -3.91 8.81
CA THR B 51 -15.83 -4.36 8.95
C THR B 51 -15.23 -4.03 10.32
N TYR B 52 -14.10 -4.66 10.63
CA TYR B 52 -13.22 -4.15 11.66
C TYR B 52 -12.18 -3.27 10.98
N ILE B 53 -11.98 -2.05 11.45
CA ILE B 53 -10.85 -1.27 10.92
C ILE B 53 -9.63 -1.41 11.83
N HIS B 54 -8.50 -1.84 11.28
CA HIS B 54 -7.28 -1.98 12.07
C HIS B 54 -6.26 -0.89 11.76
N TRP B 55 -5.37 -0.62 12.69
CA TRP B 55 -4.21 0.19 12.38
C TRP B 55 -2.94 -0.62 12.65
N VAL B 56 -1.96 -0.45 11.78
CA VAL B 56 -0.65 -1.13 11.82
C VAL B 56 0.43 -0.09 11.57
N ASN B 57 1.60 -0.19 12.21
CA ASN B 57 2.68 0.74 11.88
C ASN B 57 3.87 0.04 11.31
N GLN B 58 4.69 0.81 10.62
CA GLN B 58 5.90 0.29 10.02
C GLN B 58 6.96 1.34 10.12
N ARG B 59 7.91 1.12 11.03
CA ARG B 59 9.04 2.03 11.23
C ARG B 59 10.02 1.92 10.04
N PRO B 60 10.80 2.98 9.76
CA PRO B 60 11.62 2.99 8.53
C PRO B 60 12.50 1.74 8.41
N GLU B 61 12.50 1.12 7.22
CA GLU B 61 13.26 -0.12 6.96
C GLU B 61 12.95 -1.25 7.93
N GLN B 62 11.75 -1.26 8.49
CA GLN B 62 11.47 -2.26 9.49
C GLN B 62 10.22 -3.02 9.11
N GLY B 63 9.72 -3.83 10.05
CA GLY B 63 8.60 -4.70 9.78
C GLY B 63 7.26 -4.07 10.15
N LEU B 64 6.23 -4.91 10.20
CA LEU B 64 4.86 -4.50 10.49
C LEU B 64 4.49 -4.79 11.93
N GLU B 65 3.65 -3.94 12.50
CA GLU B 65 3.26 -4.13 13.89
C GLU B 65 1.83 -3.69 14.11
N TRP B 66 1.01 -4.59 14.64
CA TRP B 66 -0.38 -4.25 14.91
C TRP B 66 -0.50 -3.23 16.06
N ILE B 67 -1.33 -2.22 15.88
CA ILE B 67 -1.64 -1.27 16.99
C ILE B 67 -2.94 -1.60 17.75
N GLY B 68 -4.02 -1.81 16.99
CA GLY B 68 -5.30 -2.18 17.57
C GLY B 68 -6.36 -2.17 16.48
N ARG B 69 -7.62 -2.28 16.86
CA ARG B 69 -8.71 -2.20 15.89
C ARG B 69 -9.95 -1.65 16.55
N ILE B 70 -10.96 -1.33 15.74
CA ILE B 70 -12.25 -0.90 16.23
C ILE B 70 -13.36 -1.62 15.47
N ASP B 71 -14.48 -1.84 16.15
CA ASP B 71 -15.72 -2.26 15.54
C ASP B 71 -16.61 -1.03 15.42
N PRO B 72 -16.75 -0.48 14.21
CA PRO B 72 -17.51 0.78 14.05
C PRO B 72 -18.98 0.61 14.34
N ALA B 73 -19.48 -0.61 14.31
CA ALA B 73 -20.86 -0.89 14.72
C ALA B 73 -20.98 -0.75 16.25
N ASN B 74 -19.89 -1.09 16.93
CA ASN B 74 -19.81 -1.13 18.39
C ASN B 74 -19.29 0.12 19.04
N GLY B 75 -18.23 0.67 18.45
CA GLY B 75 -17.34 1.58 19.13
C GLY B 75 -16.25 0.80 19.85
N HIS B 76 -16.44 -0.51 20.00
CA HIS B 76 -15.53 -1.33 20.79
C HIS B 76 -14.18 -1.46 20.14
N THR B 77 -13.15 -1.33 20.96
CA THR B 77 -11.79 -1.34 20.48
C THR B 77 -10.92 -2.34 21.24
N GLN B 78 -9.84 -2.77 20.60
CA GLN B 78 -8.90 -3.66 21.22
C GLN B 78 -7.53 -3.15 20.87
N TYR B 79 -6.58 -3.25 21.79
CA TYR B 79 -5.27 -2.69 21.55
C TYR B 79 -4.18 -3.68 21.90
N ASP B 80 -2.99 -3.45 21.35
CA ASP B 80 -1.79 -4.05 21.89
C ASP B 80 -1.43 -3.24 23.12
N PRO B 81 -1.43 -3.89 24.30
CA PRO B 81 -1.22 -3.24 25.59
C PRO B 81 -0.08 -2.23 25.54
N LYS B 82 0.97 -2.52 24.78
CA LYS B 82 2.10 -1.62 24.68
C LYS B 82 1.72 -0.26 24.09
N PHE B 83 0.63 -0.20 23.34
CA PHE B 83 0.22 1.07 22.76
C PHE B 83 -0.86 1.74 23.60
N GLN B 84 -1.39 1.00 24.58
CA GLN B 84 -2.39 1.56 25.49
C GLN B 84 -1.83 2.80 26.16
N GLY B 85 -2.55 3.90 26.07
CA GLY B 85 -2.09 5.16 26.62
C GLY B 85 -1.54 6.11 25.58
N LYS B 86 -1.17 5.58 24.41
CA LYS B 86 -0.59 6.43 23.37
C LYS B 86 -1.40 6.42 22.07
N ALA B 87 -2.21 5.38 21.89
CA ALA B 87 -3.07 5.29 20.72
C ALA B 87 -4.52 5.17 21.13
N THR B 88 -5.37 5.78 20.33
CA THR B 88 -6.80 5.79 20.53
C THR B 88 -7.52 5.70 19.21
N ILE B 89 -8.29 4.65 19.02
CA ILE B 89 -8.95 4.50 17.74
C ILE B 89 -10.42 4.86 17.87
N THR B 90 -10.91 5.61 16.90
CA THR B 90 -12.33 5.95 16.90
C THR B 90 -12.82 5.86 15.48
N ALA B 91 -14.10 6.12 15.31
CA ALA B 91 -14.75 5.90 14.03
C ALA B 91 -16.02 6.75 13.98
N ASP B 92 -16.30 7.33 12.83
CA ASP B 92 -17.51 8.07 12.63
C ASP B 92 -18.27 7.45 11.46
N THR B 93 -19.34 6.73 11.78
CA THR B 93 -20.03 5.97 10.75
C THR B 93 -20.76 6.86 9.76
N SER B 94 -21.08 8.10 10.13
CA SER B 94 -21.81 8.95 9.19
C SER B 94 -20.88 9.44 8.07
N SER B 95 -19.57 9.43 8.31
CA SER B 95 -18.65 9.80 7.24
C SER B 95 -17.74 8.62 6.82
N ASN B 96 -18.10 7.41 7.26
CA ASN B 96 -17.42 6.19 6.82
C ASN B 96 -15.92 6.27 7.07
N THR B 97 -15.54 6.92 8.16
CA THR B 97 -14.15 7.22 8.47
C THR B 97 -13.75 6.71 9.84
N ALA B 98 -12.55 6.16 9.93
CA ALA B 98 -12.01 5.75 11.23
C ALA B 98 -10.84 6.63 11.53
N TYR B 99 -10.45 6.73 12.80
CA TYR B 99 -9.36 7.61 13.16
C TYR B 99 -8.39 6.96 14.11
N LEU B 100 -7.14 7.37 13.99
CA LEU B 100 -6.12 6.95 14.93
C LEU B 100 -5.52 8.18 15.56
N GLN B 101 -5.76 8.37 16.84
CA GLN B 101 -5.09 9.45 17.52
C GLN B 101 -3.89 8.93 18.28
N LEU B 102 -2.75 9.58 18.06
CA LEU B 102 -1.53 9.25 18.78
C LEU B 102 -1.13 10.44 19.64
N SER B 103 -0.58 10.16 20.82
CA SER B 103 -0.25 11.20 21.79
C SER B 103 1.10 10.94 22.43
N SER B 104 1.71 12.01 22.94
CA SER B 104 3.05 11.98 23.55
C SER B 104 4.04 11.31 22.64
N LEU B 105 4.06 11.73 21.39
CA LEU B 105 4.91 11.07 20.39
C LEU B 105 6.38 11.32 20.67
N THR B 106 7.19 10.35 20.29
CA THR B 106 8.64 10.50 20.30
C THR B 106 9.22 10.12 18.95
N SER B 107 10.53 10.30 18.81
CA SER B 107 11.21 9.97 17.55
C SER B 107 11.03 8.49 17.19
N GLU B 108 10.92 7.64 18.19
CA GLU B 108 10.71 6.22 17.99
C GLU B 108 9.38 5.87 17.30
N ASP B 109 8.43 6.82 17.30
CA ASP B 109 7.12 6.59 16.67
C ASP B 109 7.12 7.03 15.21
N THR B 110 8.25 7.55 14.75
CA THR B 110 8.36 7.94 13.36
C THR B 110 8.16 6.69 12.53
N ALA B 111 7.20 6.73 11.62
CA ALA B 111 6.72 5.51 10.99
C ALA B 111 5.67 5.78 9.94
N VAL B 112 5.34 4.74 9.19
CA VAL B 112 4.22 4.81 8.29
C VAL B 112 3.06 4.10 8.97
N TYR B 113 1.93 4.77 9.04
CA TYR B 113 0.78 4.22 9.73
C TYR B 113 -0.25 3.79 8.68
N TYR B 114 -0.65 2.53 8.74
CA TYR B 114 -1.65 1.98 7.83
C TYR B 114 -2.97 1.67 8.54
N CYS B 115 -4.08 1.85 7.82
CA CYS B 115 -5.35 1.27 8.24
C CYS B 115 -5.75 0.12 7.31
N ALA B 116 -6.47 -0.86 7.85
CA ALA B 116 -6.87 -2.04 7.07
C ALA B 116 -8.19 -2.60 7.56
N THR B 117 -8.92 -3.17 6.61
CA THR B 117 -10.15 -3.88 6.89
C THR B 117 -9.89 -5.34 7.18
N SER B 118 -10.68 -5.90 8.10
CA SER B 118 -10.82 -7.34 8.22
C SER B 118 -12.28 -7.66 8.34
N ASP B 119 -12.63 -8.92 8.08
CA ASP B 119 -13.94 -9.45 8.45
C ASP B 119 -13.78 -10.16 9.80
N TYR B 120 -14.69 -11.06 10.14
CA TYR B 120 -14.62 -11.83 11.40
C TYR B 120 -13.28 -12.50 11.64
N SER B 121 -12.50 -12.70 10.57
CA SER B 121 -11.29 -13.49 10.65
C SER B 121 -10.09 -12.72 11.21
N TYR B 122 -10.16 -11.40 11.11
CA TYR B 122 -9.06 -10.49 11.52
C TYR B 122 -7.85 -10.51 10.58
N ALA B 123 -7.91 -11.29 9.51
CA ALA B 123 -6.89 -11.17 8.50
C ALA B 123 -7.09 -9.83 7.76
N LEU B 124 -5.99 -9.17 7.46
CA LEU B 124 -6.06 -7.81 6.94
C LEU B 124 -6.18 -7.82 5.40
N ASP B 125 -7.40 -7.69 4.93
CA ASP B 125 -7.71 -8.01 3.55
C ASP B 125 -7.61 -6.81 2.57
N SER B 126 -7.73 -5.59 3.08
CA SER B 126 -7.52 -4.38 2.28
C SER B 126 -6.78 -3.31 3.08
N TRP B 127 -5.88 -2.58 2.43
CA TRP B 127 -5.01 -1.60 3.09
C TRP B 127 -5.03 -0.22 2.45
N GLY B 128 -5.18 0.84 3.26
CA GLY B 128 -4.90 2.19 2.77
C GLY B 128 -3.47 2.38 2.25
N GLN B 129 -3.21 3.54 1.66
CA GLN B 129 -1.91 3.82 1.07
C GLN B 129 -0.91 4.11 2.15
N GLY B 130 -1.36 4.24 3.39
CA GLY B 130 -0.46 4.63 4.47
C GLY B 130 -0.31 6.14 4.69
N THR B 131 0.02 6.50 5.92
CA THR B 131 0.28 7.89 6.28
C THR B 131 1.64 8.01 6.91
N SER B 132 2.52 8.79 6.32
CA SER B 132 3.84 8.92 6.88
C SER B 132 3.91 9.99 7.96
N VAL B 133 4.30 9.56 9.17
CA VAL B 133 4.35 10.41 10.35
C VAL B 133 5.77 10.60 10.86
N THR B 134 6.27 11.83 10.79
CA THR B 134 7.60 12.11 11.29
C THR B 134 7.54 12.84 12.60
N VAL B 135 8.20 12.32 13.62
CA VAL B 135 8.26 13.01 14.90
C VAL B 135 9.62 13.69 15.06
N SER B 136 9.61 15.02 15.08
CA SER B 136 10.88 15.75 15.11
C SER B 136 10.75 17.19 15.59
N SER B 137 11.78 17.68 16.26
CA SER B 137 11.86 19.09 16.67
C SER B 137 12.32 20.00 15.53
N ALA B 138 12.80 19.42 14.43
CA ALA B 138 13.38 20.22 13.37
C ALA B 138 12.29 21.03 12.67
N LYS B 139 12.66 22.17 12.10
CA LYS B 139 11.66 23.03 11.45
C LYS B 139 11.46 22.58 10.02
N THR B 140 10.24 22.77 9.52
CA THR B 140 9.94 22.50 8.12
C THR B 140 10.82 23.38 7.25
N THR B 141 11.26 22.83 6.12
CA THR B 141 12.10 23.55 5.15
C THR B 141 11.68 23.19 3.75
N ALA B 142 11.49 24.19 2.91
CA ALA B 142 11.18 23.94 1.52
C ALA B 142 12.47 23.60 0.75
N PRO B 143 12.37 22.79 -0.30
CA PRO B 143 13.63 22.46 -0.97
C PRO B 143 13.92 23.38 -2.13
N SER B 144 15.20 23.53 -2.46
CA SER B 144 15.58 24.12 -3.73
C SER B 144 15.52 23.00 -4.76
N VAL B 145 15.09 23.32 -5.97
CA VAL B 145 14.91 22.29 -7.00
C VAL B 145 15.74 22.62 -8.23
N TYR B 146 16.72 21.77 -8.53
CA TYR B 146 17.72 22.13 -9.52
C TYR B 146 17.69 21.29 -10.79
N PRO B 147 17.45 21.91 -11.95
CA PRO B 147 17.45 21.14 -13.19
C PRO B 147 18.85 20.62 -13.51
N LEU B 148 18.97 19.33 -13.80
CA LEU B 148 20.27 18.76 -14.12
C LEU B 148 20.37 18.44 -15.61
N ALA B 149 21.11 19.29 -16.32
CA ALA B 149 21.30 19.14 -17.76
C ALA B 149 22.64 18.50 -18.02
N PRO B 150 22.75 17.75 -19.13
CA PRO B 150 24.04 17.14 -19.50
C PRO B 150 25.11 18.18 -19.83
N VAL B 151 26.37 17.72 -19.86
CA VAL B 151 27.50 18.60 -20.13
C VAL B 151 27.52 19.08 -21.58
N CYS B 152 28.36 20.07 -21.89
CA CYS B 152 28.50 20.59 -23.26
C CYS B 152 29.39 19.70 -24.13
N THR B 155 28.22 14.70 -27.77
CA THR B 155 26.81 15.01 -28.05
C THR B 155 26.10 13.81 -28.65
N THR B 156 25.27 13.18 -27.82
CA THR B 156 24.34 12.09 -28.18
C THR B 156 24.99 10.78 -28.65
N GLY B 157 24.75 9.72 -27.88
CA GLY B 157 25.00 8.37 -28.31
C GLY B 157 23.67 7.66 -28.47
N SER B 158 22.74 8.30 -29.17
CA SER B 158 21.37 7.79 -29.37
C SER B 158 20.64 7.53 -28.06
N SER B 159 21.04 8.25 -27.01
CA SER B 159 20.44 8.14 -25.69
C SER B 159 20.88 9.31 -24.81
N VAL B 160 19.94 9.88 -24.08
CA VAL B 160 20.28 11.00 -23.21
C VAL B 160 19.51 10.97 -21.90
N THR B 161 20.20 11.34 -20.83
CA THR B 161 19.64 11.30 -19.49
C THR B 161 19.61 12.70 -18.88
N LEU B 162 18.45 13.10 -18.37
CA LEU B 162 18.30 14.34 -17.62
C LEU B 162 18.14 14.02 -16.13
N GLY B 163 18.38 15.03 -15.30
CA GLY B 163 18.30 14.87 -13.86
C GLY B 163 17.59 16.00 -13.16
N CYS B 164 17.14 15.71 -11.94
CA CYS B 164 16.47 16.68 -11.11
C CYS B 164 16.98 16.49 -9.69
N LEU B 165 17.47 17.57 -9.11
CA LEU B 165 18.04 17.50 -7.79
C LEU B 165 17.21 18.28 -6.76
N VAL B 166 16.54 17.56 -5.86
CA VAL B 166 15.70 18.21 -4.86
C VAL B 166 16.44 18.31 -3.54
N LYS B 167 16.87 19.51 -3.20
CA LYS B 167 17.89 19.67 -2.15
C LYS B 167 17.50 20.50 -0.91
N GLY B 168 17.92 19.98 0.24
CA GLY B 168 17.79 20.68 1.51
C GLY B 168 16.37 20.93 2.00
N TYR B 169 15.59 19.86 2.18
CA TYR B 169 14.23 19.99 2.69
C TYR B 169 13.98 19.13 3.92
N PHE B 170 12.84 19.38 4.54
CA PHE B 170 12.41 18.64 5.70
C PHE B 170 10.94 18.93 5.99
N PRO B 171 10.16 17.91 6.34
CA PRO B 171 10.53 16.50 6.47
C PRO B 171 10.27 15.70 5.18
N GLU B 172 10.46 14.40 5.25
CA GLU B 172 9.93 13.50 4.23
C GLU B 172 8.39 13.59 4.32
N PRO B 173 7.69 13.55 3.19
CA PRO B 173 8.12 13.21 1.83
C PRO B 173 8.00 14.33 0.79
N VAL B 174 8.66 14.11 -0.34
CA VAL B 174 8.39 14.89 -1.55
C VAL B 174 7.85 13.95 -2.62
N THR B 175 7.16 14.49 -3.61
CA THR B 175 6.74 13.69 -4.75
C THR B 175 7.31 14.32 -6.00
N LEU B 176 7.87 13.48 -6.87
CA LEU B 176 8.51 13.96 -8.08
C LEU B 176 7.91 13.26 -9.27
N THR B 177 7.67 14.02 -10.32
CA THR B 177 7.18 13.45 -11.55
C THR B 177 7.90 14.15 -12.68
N TRP B 178 7.90 13.54 -13.86
CA TRP B 178 8.50 14.18 -15.02
C TRP B 178 7.39 14.47 -16.04
N ASN B 179 7.27 15.76 -16.37
CA ASN B 179 6.16 16.27 -17.19
C ASN B 179 4.84 15.69 -16.73
N SER B 180 4.55 15.88 -15.43
CA SER B 180 3.27 15.53 -14.84
C SER B 180 2.86 14.05 -15.01
N GLY B 181 3.83 13.15 -14.94
CA GLY B 181 3.54 11.73 -14.89
C GLY B 181 3.47 11.07 -16.26
N SER B 182 3.26 11.91 -17.28
CA SER B 182 3.22 11.46 -18.67
C SER B 182 4.47 10.68 -19.05
N LEU B 183 5.61 11.15 -18.55
CA LEU B 183 6.88 10.50 -18.79
C LEU B 183 7.21 9.62 -17.59
N SER B 184 7.36 8.31 -17.80
CA SER B 184 7.43 7.41 -16.65
C SER B 184 8.43 6.27 -16.83
N SER B 185 8.42 5.63 -18.00
CA SER B 185 9.46 4.65 -18.26
C SER B 185 10.73 5.44 -18.46
N GLY B 186 11.85 4.85 -18.09
CA GLY B 186 13.11 5.53 -18.22
C GLY B 186 13.39 6.38 -17.00
N VAL B 187 12.43 6.44 -16.09
CA VAL B 187 12.57 7.20 -14.87
C VAL B 187 13.14 6.39 -13.69
N HIS B 188 14.18 6.93 -13.05
CA HIS B 188 14.68 6.41 -11.79
C HIS B 188 14.67 7.52 -10.76
N THR B 189 13.89 7.33 -9.71
CA THR B 189 13.86 8.32 -8.63
C THR B 189 14.47 7.70 -7.37
N PHE B 190 15.41 8.41 -6.77
CA PHE B 190 16.20 7.79 -5.73
C PHE B 190 15.75 8.18 -4.32
N PRO B 191 15.78 7.23 -3.39
CA PRO B 191 15.43 7.47 -2.00
C PRO B 191 16.22 8.63 -1.44
N ALA B 192 15.61 9.41 -0.56
CA ALA B 192 16.26 10.60 -0.06
C ALA B 192 17.33 10.27 0.98
N VAL B 193 18.35 11.12 1.02
CA VAL B 193 19.36 11.16 2.08
C VAL B 193 19.15 12.58 2.67
N LEU B 194 19.86 13.08 3.68
CA LEU B 194 20.94 12.48 4.44
C LEU B 194 20.55 12.83 5.91
N GLN B 195 21.08 13.81 6.67
CA GLN B 195 22.14 14.83 6.43
C GLN B 195 22.53 15.49 7.75
N SER B 196 21.90 16.64 8.00
CA SER B 196 22.09 17.47 9.19
C SER B 196 21.31 18.77 9.04
N ASP B 197 19.98 18.73 9.11
CA ASP B 197 19.20 17.51 9.08
C ASP B 197 18.35 17.54 7.82
N LEU B 198 18.89 18.10 6.74
CA LEU B 198 18.08 18.32 5.57
C LEU B 198 18.13 17.17 4.57
N TYR B 199 16.99 16.80 4.05
CA TYR B 199 16.92 15.75 3.04
C TYR B 199 17.37 16.22 1.65
N THR B 200 18.02 15.33 0.92
CA THR B 200 18.26 15.55 -0.51
C THR B 200 17.78 14.35 -1.34
N LEU B 201 17.04 14.63 -2.41
CA LEU B 201 16.57 13.58 -3.29
C LEU B 201 16.97 13.89 -4.74
N SER B 202 17.11 12.85 -5.56
CA SER B 202 17.34 13.05 -6.99
C SER B 202 16.52 12.11 -7.85
N SER B 203 16.34 12.50 -9.10
CA SER B 203 15.66 11.66 -10.06
C SER B 203 16.28 11.81 -11.45
N SER B 204 16.43 10.69 -12.13
CA SER B 204 16.96 10.68 -13.48
C SER B 204 15.89 10.24 -14.44
N VAL B 205 15.89 10.82 -15.62
CA VAL B 205 15.00 10.35 -16.66
C VAL B 205 15.82 10.14 -17.91
N THR B 206 15.62 8.99 -18.56
CA THR B 206 16.37 8.71 -19.76
C THR B 206 15.42 8.63 -20.95
N VAL B 207 15.75 9.33 -22.02
CA VAL B 207 14.90 9.37 -23.20
C VAL B 207 15.74 9.28 -24.47
N THR B 208 15.08 9.12 -25.61
CA THR B 208 15.72 8.61 -26.82
C THR B 208 16.64 9.56 -27.60
N SER B 209 17.24 10.54 -26.93
CA SER B 209 18.18 11.52 -27.52
C SER B 209 17.49 12.44 -28.54
N SER B 210 16.41 11.93 -29.12
CA SER B 210 15.49 12.72 -29.90
C SER B 210 14.32 13.04 -28.98
N THR B 211 13.53 14.03 -29.39
CA THR B 211 12.53 14.69 -28.54
C THR B 211 13.22 15.46 -27.40
N TRP B 212 14.53 15.28 -27.20
CA TRP B 212 15.27 16.25 -26.37
C TRP B 212 16.62 16.65 -26.98
N PRO B 213 16.82 17.96 -27.14
CA PRO B 213 15.82 18.98 -26.77
C PRO B 213 14.68 19.12 -27.79
N SER B 214 13.98 20.25 -27.73
CA SER B 214 12.84 20.65 -28.59
C SER B 214 11.51 20.22 -27.98
N GLN B 215 11.33 18.94 -27.69
CA GLN B 215 10.24 18.56 -26.79
C GLN B 215 10.76 18.72 -25.36
N SER B 216 10.13 19.60 -24.61
CA SER B 216 10.67 19.99 -23.31
C SER B 216 10.31 19.04 -22.17
N ILE B 217 11.27 18.80 -21.29
CA ILE B 217 11.06 17.94 -20.14
C ILE B 217 11.14 18.77 -18.86
N THR B 218 10.17 18.59 -17.99
CA THR B 218 10.09 19.33 -16.75
C THR B 218 9.91 18.34 -15.61
N CYS B 219 10.63 18.51 -14.50
CA CYS B 219 10.28 17.65 -13.38
C CYS B 219 9.41 18.45 -12.44
N ASN B 220 8.45 17.76 -11.85
CA ASN B 220 7.46 18.37 -10.99
C ASN B 220 7.63 17.88 -9.55
N VAL B 221 7.92 18.80 -8.65
CA VAL B 221 8.19 18.43 -7.27
C VAL B 221 7.23 19.09 -6.29
N ALA B 222 6.59 18.28 -5.47
CA ALA B 222 5.72 18.77 -4.40
C ALA B 222 6.32 18.44 -3.06
N HIS B 223 6.62 19.47 -2.26
CA HIS B 223 6.88 19.26 -0.83
C HIS B 223 5.64 19.73 -0.11
N PRO B 224 4.79 18.78 0.30
CA PRO B 224 3.48 19.17 0.85
C PRO B 224 3.64 19.97 2.15
N ALA B 225 4.46 19.48 3.07
CA ALA B 225 4.79 20.17 4.33
C ALA B 225 5.01 21.69 4.21
N SER B 226 5.68 22.13 3.16
CA SER B 226 5.96 23.54 2.95
C SER B 226 5.10 24.11 1.84
N SER B 227 4.07 23.35 1.45
CA SER B 227 3.11 23.76 0.43
C SER B 227 3.81 24.13 -0.85
N THR B 228 4.90 23.43 -1.13
CA THR B 228 5.75 23.77 -2.26
C THR B 228 5.40 22.95 -3.49
N LYS B 229 5.24 23.63 -4.62
CA LYS B 229 4.96 22.96 -5.87
C LYS B 229 5.81 23.63 -6.95
N VAL B 230 6.84 22.93 -7.39
CA VAL B 230 7.77 23.50 -8.36
C VAL B 230 7.85 22.66 -9.62
N ASP B 231 7.70 23.33 -10.76
CA ASP B 231 7.98 22.75 -12.06
C ASP B 231 9.28 23.35 -12.59
N LYS B 232 10.32 22.53 -12.78
CA LYS B 232 11.55 23.04 -13.36
C LYS B 232 11.78 22.43 -14.74
N LYS B 233 11.68 23.25 -15.79
CA LYS B 233 12.02 22.81 -17.14
C LYS B 233 13.53 22.53 -17.24
N ILE B 234 13.90 21.54 -18.03
CA ILE B 234 15.32 21.23 -18.22
C ILE B 234 15.81 21.82 -19.53
N GLU B 235 16.88 22.62 -19.47
CA GLU B 235 17.33 23.39 -20.63
C GLU B 235 18.83 23.23 -20.91
N PRO B 236 19.22 23.15 -22.19
CA PRO B 236 20.65 23.01 -22.55
C PRO B 236 21.47 24.19 -22.06
N ARG B 237 22.67 23.91 -21.58
CA ARG B 237 23.51 24.91 -20.93
C ARG B 237 24.05 25.95 -21.91
N ASP C 21 2.45 -12.97 24.19
CA ASP C 21 2.14 -12.83 22.77
C ASP C 21 2.71 -14.01 22.02
N ILE C 22 2.04 -14.42 20.95
CA ILE C 22 2.61 -15.44 20.08
C ILE C 22 3.76 -14.83 19.28
N VAL C 23 4.91 -15.48 19.34
CA VAL C 23 6.05 -15.08 18.52
C VAL C 23 6.00 -15.75 17.15
N MET C 24 6.13 -14.92 16.10
CA MET C 24 6.25 -15.38 14.73
C MET C 24 7.69 -15.23 14.26
N THR C 25 8.21 -16.27 13.64
CA THR C 25 9.56 -16.25 13.14
C THR C 25 9.59 -16.67 11.67
N GLN C 26 10.19 -15.84 10.84
CA GLN C 26 10.25 -16.18 9.42
C GLN C 26 11.62 -16.60 8.97
N SER C 27 11.64 -17.48 7.98
CA SER C 27 12.88 -17.92 7.35
C SER C 27 12.72 -18.12 5.85
N PRO C 28 13.72 -17.67 5.08
CA PRO C 28 14.92 -16.97 5.56
C PRO C 28 14.76 -15.47 5.52
N SER C 29 15.74 -14.72 6.00
CA SER C 29 15.65 -13.26 6.02
C SER C 29 15.64 -12.66 4.62
N SER C 30 16.38 -13.27 3.71
CA SER C 30 16.28 -12.91 2.30
C SER C 30 16.45 -14.08 1.34
N LEU C 31 15.97 -13.85 0.11
CA LEU C 31 15.86 -14.82 -0.94
C LEU C 31 16.25 -14.21 -2.27
N ALA C 32 16.96 -14.95 -3.10
CA ALA C 32 17.19 -14.50 -4.48
C ALA C 32 17.04 -15.67 -5.45
N MET C 33 16.11 -15.55 -6.38
CA MET C 33 15.86 -16.55 -7.39
C MET C 33 15.63 -15.90 -8.75
N SER C 34 15.93 -16.63 -9.80
CA SER C 34 15.69 -16.12 -11.14
C SER C 34 14.26 -16.44 -11.59
N VAL C 35 13.78 -15.68 -12.56
CA VAL C 35 12.41 -15.83 -13.03
C VAL C 35 12.14 -17.23 -13.58
N GLY C 36 11.05 -17.83 -13.11
CA GLY C 36 10.65 -19.17 -13.49
C GLY C 36 10.91 -20.21 -12.41
N GLN C 37 11.91 -19.94 -11.57
CA GLN C 37 12.23 -20.85 -10.47
C GLN C 37 11.19 -20.82 -9.36
N LYS C 38 11.17 -21.88 -8.58
CA LYS C 38 10.26 -22.05 -7.45
C LYS C 38 10.82 -21.33 -6.22
N VAL C 39 9.95 -20.62 -5.52
CA VAL C 39 10.36 -19.90 -4.32
C VAL C 39 9.73 -20.50 -3.07
N THR C 40 10.53 -20.63 -2.03
CA THR C 40 10.03 -21.15 -0.78
C THR C 40 10.47 -20.32 0.43
N MET C 41 9.50 -20.00 1.28
CA MET C 41 9.80 -19.35 2.54
C MET C 41 8.89 -19.84 3.67
N SER C 42 9.39 -19.77 4.90
CA SER C 42 8.69 -20.42 5.99
C SER C 42 8.41 -19.51 7.16
N CYS C 43 7.54 -20.01 8.03
CA CYS C 43 7.01 -19.24 9.14
C CYS C 43 6.73 -20.16 10.30
N LYS C 44 7.38 -19.89 11.43
CA LYS C 44 7.14 -20.66 12.63
C LYS C 44 6.49 -19.78 13.72
N SER C 45 5.36 -20.26 14.24
CA SER C 45 4.68 -19.65 15.37
C SER C 45 5.05 -20.32 16.69
N SER C 46 5.17 -19.53 17.75
CA SER C 46 5.52 -20.06 19.07
C SER C 46 4.52 -21.08 19.61
N GLN C 47 3.33 -21.17 19.00
CA GLN C 47 2.33 -22.13 19.44
C GLN C 47 1.29 -22.33 18.34
N SER C 48 0.39 -23.30 18.51
CA SER C 48 -0.55 -23.65 17.44
C SER C 48 -1.50 -22.53 17.05
N LEU C 49 -1.79 -22.42 15.76
CA LEU C 49 -2.68 -21.38 15.27
C LEU C 49 -4.00 -22.03 14.87
N LEU C 50 -4.14 -23.28 15.27
CA LEU C 50 -5.28 -24.13 14.91
C LEU C 50 -6.51 -23.87 15.76
N ASN C 51 -7.52 -23.29 15.14
CA ASN C 51 -8.84 -23.19 15.73
C ASN C 51 -9.53 -24.56 15.73
N SER C 52 -9.69 -25.14 16.92
CA SER C 52 -10.31 -26.46 17.07
C SER C 52 -11.73 -26.51 16.52
N ASN C 53 -12.55 -25.53 16.86
CA ASN C 53 -13.95 -25.56 16.43
C ASN C 53 -14.09 -25.37 14.92
N ASN C 54 -12.96 -25.03 14.29
CA ASN C 54 -12.94 -24.56 12.92
C ASN C 54 -12.15 -25.48 12.01
N GLN C 55 -11.15 -26.11 12.62
CA GLN C 55 -10.15 -26.87 11.89
C GLN C 55 -9.42 -26.00 10.88
N LYS C 56 -9.41 -24.68 11.12
CA LYS C 56 -8.63 -23.76 10.31
C LYS C 56 -7.43 -23.24 11.09
N ASN C 57 -6.33 -23.02 10.38
CA ASN C 57 -5.17 -22.37 10.97
C ASN C 57 -5.18 -20.89 10.65
N TYR C 58 -5.12 -20.04 11.66
CA TYR C 58 -5.26 -18.60 11.43
C TYR C 58 -3.92 -17.97 11.16
N LEU C 59 -3.35 -18.32 10.00
CA LEU C 59 -2.10 -17.72 9.54
C LEU C 59 -2.30 -17.01 8.19
N ALA C 60 -1.73 -15.82 8.07
CA ALA C 60 -1.92 -15.04 6.87
C ALA C 60 -0.57 -14.70 6.25
N TRP C 61 -0.55 -14.56 4.94
CA TRP C 61 0.66 -14.07 4.29
C TRP C 61 0.44 -12.76 3.55
N TYR C 62 1.36 -11.82 3.71
CA TYR C 62 1.24 -10.54 3.01
C TYR C 62 2.43 -10.19 2.14
N GLN C 63 2.16 -9.46 1.06
CA GLN C 63 3.19 -9.07 0.13
C GLN C 63 3.31 -7.55 0.13
N GLN C 64 4.53 -7.03 0.24
CA GLN C 64 4.71 -5.59 0.19
C GLN C 64 5.82 -5.22 -0.78
N LYS C 65 5.37 -4.76 -1.94
CA LYS C 65 6.21 -4.26 -3.00
C LYS C 65 6.77 -2.92 -2.55
N PRO C 66 8.00 -2.64 -2.97
CA PRO C 66 8.71 -1.44 -2.51
C PRO C 66 7.86 -0.18 -2.72
N GLY C 67 7.77 0.65 -1.70
CA GLY C 67 7.02 1.89 -1.79
C GLY C 67 5.51 1.70 -1.81
N GLN C 68 5.04 0.47 -1.68
CA GLN C 68 3.61 0.20 -1.68
C GLN C 68 3.19 -0.30 -0.31
N SER C 69 1.89 -0.37 -0.09
CA SER C 69 1.38 -0.86 1.18
C SER C 69 1.25 -2.39 1.13
N PRO C 70 1.25 -3.06 2.28
CA PRO C 70 1.11 -4.51 2.26
C PRO C 70 -0.19 -4.92 1.59
N LYS C 71 -0.21 -6.10 0.98
CA LYS C 71 -1.38 -6.67 0.35
C LYS C 71 -1.55 -8.16 0.73
N LEU C 72 -2.77 -8.57 1.04
CA LEU C 72 -3.06 -9.91 1.49
C LEU C 72 -2.97 -10.98 0.39
N LEU C 73 -2.16 -12.00 0.61
CA LEU C 73 -2.03 -13.07 -0.37
C LEU C 73 -2.88 -14.28 0.01
N VAL C 74 -2.61 -14.77 1.21
CA VAL C 74 -3.21 -15.98 1.73
C VAL C 74 -3.71 -15.70 3.14
N TYR C 75 -4.85 -16.30 3.48
CA TYR C 75 -5.36 -16.34 4.84
C TYR C 75 -5.83 -17.77 5.20
N PHE C 76 -6.00 -18.07 6.48
CA PHE C 76 -6.36 -19.42 6.93
C PHE C 76 -5.35 -20.45 6.45
N ALA C 77 -4.09 -19.99 6.38
CA ALA C 77 -2.90 -20.76 6.00
C ALA C 77 -2.83 -21.17 4.52
N SER C 78 -3.97 -21.37 3.88
CA SER C 78 -3.98 -21.94 2.55
C SER C 78 -5.03 -21.34 1.63
N THR C 79 -6.00 -20.62 2.18
CA THR C 79 -6.98 -20.04 1.29
C THR C 79 -6.40 -18.80 0.64
N ARG C 80 -6.39 -18.79 -0.68
CA ARG C 80 -5.75 -17.74 -1.43
C ARG C 80 -6.73 -16.60 -1.60
N GLU C 81 -6.27 -15.37 -1.39
CA GLU C 81 -7.14 -14.20 -1.53
C GLU C 81 -7.61 -14.02 -2.98
N SER C 82 -8.85 -13.60 -3.13
CA SER C 82 -9.40 -13.24 -4.43
C SER C 82 -8.52 -12.25 -5.18
N GLY C 83 -8.16 -12.60 -6.42
CA GLY C 83 -7.43 -11.71 -7.31
C GLY C 83 -5.92 -11.91 -7.25
N VAL C 84 -5.52 -12.95 -6.53
CA VAL C 84 -4.11 -13.28 -6.35
C VAL C 84 -3.77 -14.46 -7.24
N PRO C 85 -2.70 -14.34 -8.05
CA PRO C 85 -2.20 -15.39 -8.95
C PRO C 85 -2.13 -16.75 -8.28
N ASP C 86 -2.33 -17.78 -9.09
CA ASP C 86 -2.34 -19.15 -8.62
C ASP C 86 -0.97 -19.67 -8.28
N ARG C 87 0.05 -18.91 -8.67
CA ARG C 87 1.43 -19.32 -8.41
C ARG C 87 1.76 -19.15 -6.94
N PHE C 88 0.91 -18.41 -6.24
CA PHE C 88 1.12 -18.18 -4.81
C PHE C 88 0.40 -19.22 -4.02
N ILE C 89 1.14 -19.93 -3.19
CA ILE C 89 0.58 -21.10 -2.53
C ILE C 89 1.05 -21.23 -1.09
N GLY C 90 0.10 -21.13 -0.16
CA GLY C 90 0.43 -21.21 1.25
C GLY C 90 0.06 -22.57 1.82
N SER C 91 0.89 -23.10 2.69
CA SER C 91 0.61 -24.42 3.21
C SER C 91 1.16 -24.63 4.62
N GLY C 92 0.87 -25.81 5.15
CA GLY C 92 1.36 -26.18 6.47
C GLY C 92 0.24 -26.08 7.47
N SER C 93 0.57 -26.37 8.73
CA SER C 93 -0.44 -26.36 9.77
C SER C 93 0.26 -26.50 11.11
N GLY C 94 -0.52 -26.43 12.18
CA GLY C 94 0.05 -26.46 13.51
C GLY C 94 0.88 -25.24 13.82
N THR C 95 2.21 -25.38 13.71
CA THR C 95 3.13 -24.29 14.05
C THR C 95 4.12 -24.04 12.95
N ASP C 96 3.99 -24.80 11.86
CA ASP C 96 4.90 -24.70 10.74
C ASP C 96 4.15 -24.37 9.47
N PHE C 97 4.58 -23.30 8.83
CA PHE C 97 3.89 -22.79 7.66
C PHE C 97 4.87 -22.40 6.57
N THR C 98 4.42 -22.53 5.33
CA THR C 98 5.29 -22.12 4.24
C THR C 98 4.47 -21.38 3.24
N LEU C 99 5.10 -20.39 2.63
CA LEU C 99 4.54 -19.80 1.44
C LEU C 99 5.43 -20.16 0.24
N THR C 100 4.81 -20.63 -0.84
CA THR C 100 5.58 -20.92 -2.02
C THR C 100 5.04 -20.19 -3.26
N ILE C 101 5.98 -19.67 -4.05
CA ILE C 101 5.72 -19.15 -5.38
C ILE C 101 6.24 -20.17 -6.38
N SER C 102 5.32 -20.78 -7.13
CA SER C 102 5.66 -21.96 -7.92
C SER C 102 6.67 -21.62 -9.02
N SER C 103 6.39 -20.57 -9.81
CA SER C 103 7.43 -20.04 -10.70
C SER C 103 7.46 -18.51 -10.64
N VAL C 104 8.58 -17.97 -10.16
CA VAL C 104 8.64 -16.57 -9.78
C VAL C 104 8.74 -15.64 -10.97
N GLN C 105 8.13 -14.46 -10.81
CA GLN C 105 8.08 -13.44 -11.84
C GLN C 105 8.84 -12.20 -11.38
N ALA C 106 9.22 -11.40 -12.36
CA ALA C 106 10.02 -10.22 -12.10
C ALA C 106 9.29 -9.26 -11.16
N GLU C 107 7.97 -9.27 -11.23
CA GLU C 107 7.15 -8.31 -10.49
C GLU C 107 6.90 -8.76 -9.05
N ASP C 108 7.39 -9.96 -8.71
CA ASP C 108 7.11 -10.56 -7.41
C ASP C 108 8.11 -10.07 -6.35
N LEU C 109 9.12 -9.31 -6.77
CA LEU C 109 10.04 -8.77 -5.78
C LEU C 109 9.31 -7.89 -4.76
N ALA C 110 9.63 -8.11 -3.48
CA ALA C 110 8.83 -7.63 -2.35
C ALA C 110 9.41 -8.04 -1.02
N ASP C 111 8.87 -7.52 0.07
CA ASP C 111 9.03 -8.15 1.37
C ASP C 111 7.78 -8.96 1.63
N TYR C 112 7.93 -10.17 2.18
CA TYR C 112 6.80 -11.02 2.50
C TYR C 112 6.70 -11.21 4.01
N PHE C 113 5.49 -11.09 4.53
CA PHE C 113 5.28 -11.15 5.96
C PHE C 113 4.27 -12.22 6.26
N CYS C 114 4.55 -13.04 7.25
CA CYS C 114 3.44 -13.81 7.83
C CYS C 114 2.90 -13.07 9.06
N GLN C 115 1.64 -13.36 9.36
CA GLN C 115 0.95 -12.84 10.51
C GLN C 115 0.05 -13.94 11.08
N GLN C 116 0.13 -14.20 12.37
CA GLN C 116 -0.97 -14.94 12.98
C GLN C 116 -2.15 -13.97 13.19
N HIS C 117 -3.30 -14.32 12.63
CA HIS C 117 -4.50 -13.57 12.91
C HIS C 117 -5.41 -14.40 13.81
N TYR C 118 -4.81 -15.00 14.84
CA TYR C 118 -5.50 -15.91 15.73
C TYR C 118 -5.95 -15.26 17.04
N SER C 119 -5.02 -14.57 17.69
CA SER C 119 -5.31 -13.94 18.96
C SER C 119 -4.60 -12.59 19.09
N THR C 120 -5.18 -11.68 19.88
CA THR C 120 -4.57 -10.37 20.06
C THR C 120 -3.37 -10.53 20.93
N PRO C 121 -2.31 -9.76 20.62
CA PRO C 121 -2.18 -8.87 19.47
C PRO C 121 -1.78 -9.64 18.21
N TYR C 122 -2.38 -9.34 17.07
CA TYR C 122 -2.11 -10.18 15.89
C TYR C 122 -0.71 -9.93 15.37
N THR C 123 0.23 -10.78 15.77
CA THR C 123 1.63 -10.51 15.51
C THR C 123 2.14 -10.97 14.13
N PHE C 124 3.08 -10.20 13.61
CA PHE C 124 3.70 -10.45 12.31
C PHE C 124 5.08 -11.04 12.45
N GLY C 125 5.48 -11.83 11.46
CA GLY C 125 6.87 -12.25 11.35
C GLY C 125 7.73 -11.08 10.92
N GLY C 126 9.05 -11.25 11.04
CA GLY C 126 9.98 -10.19 10.69
C GLY C 126 10.16 -9.98 9.20
N GLY C 127 9.60 -10.85 8.39
CA GLY C 127 9.66 -10.65 6.95
C GLY C 127 10.80 -11.35 6.21
N THR C 128 10.49 -11.79 5.00
CA THR C 128 11.48 -12.31 4.07
C THR C 128 11.62 -11.36 2.88
N LYS C 129 12.83 -10.89 2.62
CA LYS C 129 13.02 -10.05 1.45
C LYS C 129 13.32 -10.93 0.22
N LEU C 130 12.43 -10.91 -0.77
CA LEU C 130 12.62 -11.63 -2.04
C LEU C 130 13.20 -10.74 -3.13
N GLU C 131 14.36 -11.11 -3.66
CA GLU C 131 14.96 -10.42 -4.80
C GLU C 131 15.06 -11.33 -6.02
N ILE C 132 15.18 -10.71 -7.19
CA ILE C 132 15.26 -11.48 -8.42
C ILE C 132 16.70 -11.62 -8.87
N ARG C 133 17.16 -12.85 -9.06
CA ARG C 133 18.50 -13.05 -9.62
C ARG C 133 18.40 -12.91 -11.14
N ARG C 134 19.28 -12.10 -11.73
CA ARG C 134 19.32 -11.98 -13.18
C ARG C 134 20.76 -11.99 -13.64
N ALA C 135 20.94 -11.79 -14.95
CA ALA C 135 22.24 -11.67 -15.58
C ALA C 135 22.91 -10.37 -15.19
N ASP C 136 24.24 -10.42 -15.14
CA ASP C 136 25.04 -9.24 -14.87
C ASP C 136 24.78 -8.14 -15.89
N ALA C 137 24.73 -6.91 -15.43
CA ALA C 137 24.59 -5.74 -16.28
C ALA C 137 25.44 -4.60 -15.74
N ALA C 138 26.22 -3.98 -16.62
CA ALA C 138 27.03 -2.82 -16.28
C ALA C 138 26.16 -1.57 -16.27
N PRO C 139 26.52 -0.60 -15.42
CA PRO C 139 25.66 0.58 -15.34
C PRO C 139 25.85 1.48 -16.54
N THR C 140 24.79 2.15 -16.94
CA THR C 140 24.87 3.33 -17.76
C THR C 140 25.18 4.54 -16.86
N VAL C 141 26.26 5.26 -17.17
CA VAL C 141 26.67 6.36 -16.30
C VAL C 141 26.51 7.74 -16.94
N SER C 142 26.07 8.70 -16.13
CA SER C 142 25.90 10.06 -16.59
C SER C 142 26.36 11.02 -15.50
N ILE C 143 27.22 11.96 -15.86
CA ILE C 143 27.70 12.94 -14.90
C ILE C 143 27.06 14.30 -15.18
N PHE C 144 26.61 14.98 -14.13
CA PHE C 144 25.98 16.29 -14.26
C PHE C 144 26.68 17.31 -13.38
N PRO C 145 27.12 18.42 -13.99
CA PRO C 145 27.70 19.52 -13.21
C PRO C 145 26.61 20.34 -12.49
N PRO C 146 27.01 21.19 -11.53
CA PRO C 146 25.99 22.03 -10.86
C PRO C 146 25.25 22.94 -11.84
N SER C 147 23.95 23.10 -11.58
CA SER C 147 23.12 23.99 -12.38
C SER C 147 23.49 25.43 -12.08
N SER C 148 23.02 26.35 -12.92
CA SER C 148 23.25 27.76 -12.68
C SER C 148 22.50 28.20 -11.44
N GLU C 149 21.20 27.89 -11.38
CA GLU C 149 20.34 28.21 -10.22
C GLU C 149 21.00 27.88 -8.88
N GLN C 150 21.69 26.75 -8.79
CA GLN C 150 22.33 26.34 -7.55
C GLN C 150 23.58 27.17 -7.26
N LEU C 151 24.29 27.55 -8.33
CA LEU C 151 25.52 28.32 -8.21
C LEU C 151 25.21 29.77 -7.81
N THR C 152 23.99 30.21 -8.07
CA THR C 152 23.59 31.54 -7.62
C THR C 152 23.31 31.46 -6.12
N SER C 153 22.60 30.43 -5.68
CA SER C 153 22.30 30.30 -4.26
C SER C 153 23.56 29.91 -3.48
N GLY C 154 24.69 29.82 -4.17
CA GLY C 154 25.98 29.72 -3.52
C GLY C 154 26.56 28.34 -3.29
N GLY C 155 25.96 27.32 -3.90
CA GLY C 155 26.43 25.97 -3.67
C GLY C 155 26.80 25.24 -4.95
N ALA C 156 27.41 24.06 -4.79
CA ALA C 156 27.77 23.26 -5.96
C ALA C 156 27.68 21.75 -5.73
N SER C 157 26.76 21.10 -6.43
CA SER C 157 26.66 19.65 -6.38
C SER C 157 26.98 19.04 -7.74
N VAL C 158 27.90 18.09 -7.75
CA VAL C 158 28.11 17.30 -8.95
C VAL C 158 27.35 15.97 -8.80
N VAL C 159 26.47 15.66 -9.76
CA VAL C 159 25.64 14.46 -9.65
C VAL C 159 25.98 13.38 -10.69
N CYS C 160 26.09 12.14 -10.25
CA CYS C 160 26.44 11.04 -11.13
C CYS C 160 25.39 9.93 -11.04
N PHE C 161 24.76 9.60 -12.16
CA PHE C 161 23.77 8.53 -12.15
C PHE C 161 24.36 7.23 -12.69
N LEU C 162 24.11 6.14 -11.97
CA LEU C 162 24.58 4.82 -12.38
C LEU C 162 23.36 3.94 -12.48
N ASN C 163 22.86 3.82 -13.71
CA ASN C 163 21.57 3.19 -13.90
C ASN C 163 21.63 1.80 -14.52
N ASN C 164 20.74 0.95 -14.02
CA ASN C 164 20.40 -0.33 -14.64
C ASN C 164 21.57 -1.27 -14.71
N PHE C 165 22.13 -1.50 -13.53
CA PHE C 165 23.21 -2.42 -13.34
C PHE C 165 22.76 -3.57 -12.43
N TYR C 166 23.56 -4.63 -12.45
CA TYR C 166 23.35 -5.82 -11.65
C TYR C 166 24.70 -6.51 -11.55
N PRO C 167 25.07 -7.00 -10.34
CA PRO C 167 24.32 -6.96 -9.07
C PRO C 167 24.42 -5.65 -8.25
N LYS C 168 23.65 -5.60 -7.17
CA LYS C 168 23.49 -4.44 -6.31
C LYS C 168 24.82 -3.75 -5.94
N ASP C 169 25.83 -4.55 -5.66
CA ASP C 169 27.09 -4.04 -5.11
C ASP C 169 27.92 -3.32 -6.16
N ILE C 170 28.04 -2.00 -6.01
CA ILE C 170 28.81 -1.19 -6.94
C ILE C 170 29.57 -0.15 -6.14
N ASN C 171 30.61 0.40 -6.74
CA ASN C 171 31.45 1.36 -6.06
C ASN C 171 31.68 2.56 -6.95
N VAL C 172 31.70 3.73 -6.31
CA VAL C 172 31.90 4.98 -7.01
C VAL C 172 33.10 5.70 -6.45
N LYS C 173 34.10 5.94 -7.29
CA LYS C 173 35.20 6.80 -6.91
C LYS C 173 35.00 8.16 -7.58
N TRP C 174 34.80 9.18 -6.76
CA TRP C 174 34.78 10.55 -7.26
C TRP C 174 36.20 11.09 -7.31
N LYS C 175 36.71 11.29 -8.53
CA LYS C 175 38.04 11.85 -8.69
C LYS C 175 37.96 13.32 -9.08
N ILE C 176 38.54 14.17 -8.24
CA ILE C 176 38.79 15.57 -8.57
C ILE C 176 40.29 15.73 -8.81
N ASP C 177 40.69 15.87 -10.07
CA ASP C 177 42.10 15.96 -10.44
C ASP C 177 42.88 14.74 -10.00
N GLY C 178 42.42 13.56 -10.41
CA GLY C 178 43.10 12.32 -10.09
C GLY C 178 43.13 11.96 -8.62
N SER C 179 42.81 12.92 -7.76
CA SER C 179 42.80 12.72 -6.31
C SER C 179 41.39 12.37 -5.81
N GLU C 180 41.25 11.19 -5.20
CA GLU C 180 39.97 10.71 -4.72
C GLU C 180 39.36 11.69 -3.73
N ARG C 181 38.09 12.01 -3.94
CA ARG C 181 37.33 12.76 -2.95
C ARG C 181 36.34 11.80 -2.33
N GLN C 182 36.32 11.73 -1.00
CA GLN C 182 35.44 10.80 -0.32
C GLN C 182 34.54 11.50 0.70
N ASN C 183 34.68 12.82 0.81
CA ASN C 183 33.78 13.58 1.67
C ASN C 183 32.95 14.63 0.91
N GLY C 184 31.68 14.72 1.29
CA GLY C 184 30.73 15.50 0.53
C GLY C 184 29.93 14.63 -0.44
N VAL C 185 30.39 13.40 -0.64
CA VAL C 185 29.74 12.51 -1.60
C VAL C 185 28.71 11.65 -0.90
N LEU C 186 27.46 11.71 -1.38
CA LEU C 186 26.35 10.92 -0.84
C LEU C 186 25.84 9.92 -1.85
N ASN C 187 25.38 8.77 -1.38
CA ASN C 187 24.93 7.72 -2.26
C ASN C 187 23.57 7.17 -1.88
N SER C 188 22.81 6.75 -2.89
CA SER C 188 21.45 6.28 -2.70
C SER C 188 21.06 5.25 -3.77
N TRP C 189 20.64 4.05 -3.34
CA TRP C 189 20.20 2.99 -4.26
C TRP C 189 18.70 2.88 -4.36
N THR C 190 18.18 2.73 -5.57
CA THR C 190 16.81 2.28 -5.73
C THR C 190 16.62 0.87 -5.18
N ASP C 191 15.37 0.50 -4.97
CA ASP C 191 15.00 -0.90 -4.90
C ASP C 191 15.18 -1.53 -6.29
N GLN C 192 15.10 -2.85 -6.35
CA GLN C 192 15.20 -3.58 -7.60
C GLN C 192 14.01 -3.27 -8.52
N ASP C 193 14.30 -3.08 -9.79
CA ASP C 193 13.30 -2.85 -10.81
C ASP C 193 12.36 -4.04 -11.00
N SER C 194 11.07 -3.77 -11.02
CA SER C 194 10.07 -4.84 -11.14
C SER C 194 9.95 -5.39 -12.55
N LYS C 195 10.65 -4.78 -13.52
CA LYS C 195 10.57 -5.28 -14.89
C LYS C 195 11.89 -5.84 -15.43
N ASP C 196 12.98 -5.08 -15.34
CA ASP C 196 14.22 -5.61 -15.89
C ASP C 196 15.12 -6.16 -14.78
N SER C 197 14.66 -6.03 -13.53
CA SER C 197 15.35 -6.61 -12.37
C SER C 197 16.72 -5.98 -12.03
N THR C 198 16.98 -4.76 -12.50
CA THR C 198 18.27 -4.10 -12.20
C THR C 198 18.17 -3.24 -10.96
N TYR C 199 19.28 -2.62 -10.59
CA TYR C 199 19.30 -1.56 -9.58
C TYR C 199 19.79 -0.31 -10.24
N SER C 200 19.43 0.85 -9.68
CA SER C 200 20.08 2.09 -10.11
C SER C 200 20.65 2.80 -8.90
N MET C 201 21.48 3.80 -9.13
CA MET C 201 22.15 4.41 -8.01
C MET C 201 22.56 5.85 -8.34
N SER C 202 22.43 6.71 -7.32
CA SER C 202 22.70 8.13 -7.43
C SER C 202 23.84 8.53 -6.51
N SER C 203 24.82 9.22 -7.07
CA SER C 203 25.98 9.67 -6.32
C SER C 203 26.15 11.18 -6.45
N THR C 204 26.16 11.89 -5.32
CA THR C 204 26.16 13.34 -5.37
C THR C 204 27.22 13.96 -4.49
N LEU C 205 28.32 14.33 -5.14
CA LEU C 205 29.38 15.16 -4.58
C LEU C 205 28.94 16.61 -4.40
N THR C 206 28.83 17.05 -3.16
CA THR C 206 28.45 18.43 -2.95
C THR C 206 29.58 19.16 -2.23
N LEU C 207 30.04 20.23 -2.87
CA LEU C 207 31.14 21.04 -2.37
C LEU C 207 30.70 22.48 -2.16
N THR C 208 31.66 23.32 -1.81
CA THR C 208 31.38 24.74 -1.72
C THR C 208 31.44 25.34 -3.13
N LYS C 209 30.72 26.43 -3.36
CA LYS C 209 30.72 27.08 -4.67
C LYS C 209 32.13 27.43 -5.12
N ASP C 210 32.96 27.93 -4.20
CA ASP C 210 34.31 28.26 -4.62
C ASP C 210 35.30 27.12 -4.45
N GLU C 211 34.95 26.10 -3.66
CA GLU C 211 35.76 24.88 -3.73
C GLU C 211 35.57 24.30 -5.11
N TYR C 212 34.35 24.41 -5.63
CA TYR C 212 34.04 23.97 -6.98
C TYR C 212 34.73 24.85 -8.02
N GLU C 213 34.90 26.12 -7.68
CA GLU C 213 35.49 27.07 -8.61
C GLU C 213 37.01 27.08 -8.52
N ARG C 214 37.55 26.74 -7.36
CA ARG C 214 39.00 26.62 -7.18
C ARG C 214 39.55 25.50 -8.06
N HIS C 215 38.82 24.41 -8.18
CA HIS C 215 39.33 23.26 -8.91
C HIS C 215 38.73 23.06 -10.29
N ASN C 216 39.23 21.99 -10.90
CA ASN C 216 38.85 21.46 -12.20
C ASN C 216 39.94 20.46 -12.52
N SER C 217 39.62 19.25 -12.97
CA SER C 217 38.30 18.83 -13.41
C SER C 217 37.58 17.87 -12.45
N TYR C 218 36.50 17.27 -12.93
CA TYR C 218 35.65 16.42 -12.10
C TYR C 218 35.28 15.10 -12.75
N THR C 219 35.54 14.01 -12.04
CA THR C 219 35.30 12.66 -12.53
C THR C 219 34.67 11.74 -11.48
N CYS C 220 33.75 10.90 -11.92
CA CYS C 220 33.28 9.80 -11.10
C CYS C 220 33.57 8.51 -11.84
N GLU C 221 34.09 7.53 -11.10
CA GLU C 221 34.45 6.22 -11.65
C GLU C 221 33.55 5.16 -11.08
N ALA C 222 32.89 4.42 -11.97
CA ALA C 222 32.00 3.34 -11.56
C ALA C 222 32.71 2.00 -11.75
N THR C 223 33.17 1.44 -10.64
CA THR C 223 33.82 0.14 -10.72
C THR C 223 32.83 -0.93 -10.31
N HIS C 224 32.62 -1.87 -11.23
CA HIS C 224 31.67 -2.94 -11.04
C HIS C 224 32.40 -4.25 -11.22
N LYS C 225 31.85 -5.34 -10.70
CA LYS C 225 32.42 -6.66 -10.95
C LYS C 225 32.41 -6.97 -12.46
N THR C 226 31.44 -6.36 -13.17
CA THR C 226 31.20 -6.61 -14.59
C THR C 226 32.35 -6.16 -15.49
N SER C 227 33.37 -5.55 -14.90
CA SER C 227 34.56 -5.19 -15.66
C SER C 227 35.79 -5.08 -14.81
N THR C 228 36.93 -5.23 -15.48
CA THR C 228 38.23 -4.90 -14.95
C THR C 228 38.39 -3.39 -15.06
N SER C 229 37.70 -2.85 -16.06
CA SER C 229 37.80 -1.46 -16.45
C SER C 229 36.65 -0.63 -15.91
N PRO C 230 36.99 0.50 -15.26
CA PRO C 230 36.00 1.45 -14.73
C PRO C 230 35.22 2.15 -15.83
N ILE C 231 33.90 2.22 -15.71
CA ILE C 231 33.16 3.15 -16.55
C ILE C 231 33.39 4.52 -15.95
N VAL C 232 33.77 5.48 -16.79
CA VAL C 232 34.23 6.76 -16.31
C VAL C 232 33.56 7.89 -17.06
N LYS C 233 33.03 8.83 -16.30
CA LYS C 233 32.44 10.01 -16.89
C LYS C 233 33.07 11.22 -16.22
N SER C 234 33.39 12.22 -17.04
CA SER C 234 34.08 13.39 -16.54
C SER C 234 33.70 14.66 -17.29
N PHE C 235 34.18 15.80 -16.80
CA PHE C 235 34.00 17.05 -17.51
C PHE C 235 34.98 18.12 -17.03
N ASN C 236 35.02 19.24 -17.76
CA ASN C 236 35.84 20.39 -17.40
C ASN C 236 35.01 21.68 -17.46
N ARG C 237 35.62 22.78 -17.02
CA ARG C 237 34.98 24.09 -16.81
C ARG C 237 33.93 24.01 -15.70
#